data_4KE7
#
_entry.id   4KE7
#
_cell.length_a   43.750
_cell.length_b   71.240
_cell.length_c   72.900
_cell.angle_alpha   90.00
_cell.angle_beta   102.00
_cell.angle_gamma   90.00
#
_symmetry.space_group_name_H-M   'P 1 21 1'
#
loop_
_entity.id
_entity.type
_entity.pdbx_description
1 polymer 'Thermostable monoacylglycerol lipase'
2 non-polymer 'dodecyl hydrogen (S)-(3-azidopropyl)phosphonate'
3 non-polymer (4S)-2-METHYL-2,4-PENTANEDIOL
4 water water
#
_entity_poly.entity_id   1
_entity_poly.type   'polypeptide(L)'
_entity_poly.pdbx_seq_one_letter_code
;MGSSHHHHHHSSGLVPRGSHMSEQYPVLSGAEPFYAENGPVGVLLVHGFTGTPHSMRPLAEAYAKAGYTVCLPRLKGHGT
HYEDMERTTFHDWVASVEEGYGWLKQRCQTIFVTGLSMGGTLTLYLAEHHPDICGIVPINAAVDIPAIAAGMTGGGELPR
YLDSIGSDLKNPDVKELAYEKTPTASLLQLARLMAQTKAKLDRIVCPALIFVSDEDHVVPPGNADIIFQGISSTEKEIVR
LRNSYHVATLDYDQPMIIERSLEFFAKHAG
;
_entity_poly.pdbx_strand_id   A,B
#
# COMPACT_ATOMS: atom_id res chain seq x y z
N MET A 21 -7.77 -4.16 -39.19
CA MET A 21 -6.74 -3.40 -38.48
C MET A 21 -7.31 -2.77 -37.21
N SER A 22 -8.63 -2.67 -37.16
CA SER A 22 -9.29 -2.07 -36.01
C SER A 22 -9.70 -3.11 -34.99
N GLU A 23 -9.92 -2.65 -33.77
CA GLU A 23 -10.33 -3.51 -32.66
C GLU A 23 -11.66 -4.20 -32.96
N GLN A 24 -11.77 -5.47 -32.60
CA GLN A 24 -12.97 -6.25 -32.89
C GLN A 24 -13.89 -6.39 -31.67
N TYR A 25 -13.35 -6.13 -30.49
CA TYR A 25 -14.09 -6.28 -29.23
C TYR A 25 -14.41 -4.92 -28.62
N PRO A 26 -15.51 -4.83 -27.86
CA PRO A 26 -15.90 -3.55 -27.27
C PRO A 26 -15.05 -3.17 -26.08
N VAL A 27 -15.08 -1.89 -25.73
CA VAL A 27 -14.34 -1.40 -24.57
C VAL A 27 -14.94 -1.93 -23.28
N LEU A 28 -14.09 -2.49 -22.42
CA LEU A 28 -14.55 -3.04 -21.15
C LEU A 28 -15.01 -1.95 -20.19
N SER A 29 -15.97 -2.27 -19.34
CA SER A 29 -16.38 -1.34 -18.30
C SER A 29 -15.17 -1.00 -17.43
N GLY A 30 -14.90 0.29 -17.25
CA GLY A 30 -13.77 0.71 -16.46
C GLY A 30 -12.53 1.03 -17.26
N ALA A 31 -12.55 0.71 -18.56
CA ALA A 31 -11.39 0.92 -19.41
C ALA A 31 -11.54 2.14 -20.33
N GLU A 32 -12.58 2.93 -20.10
CA GLU A 32 -12.81 4.12 -20.91
C GLU A 32 -11.71 5.17 -20.71
N PRO A 33 -11.31 5.85 -21.79
CA PRO A 33 -10.36 6.96 -21.64
C PRO A 33 -11.01 8.15 -20.92
N PHE A 34 -10.19 9.06 -20.40
CA PHE A 34 -10.68 10.18 -19.61
C PHE A 34 -10.11 11.48 -20.17
N TYR A 35 -10.96 12.48 -20.36
CA TYR A 35 -10.55 13.80 -20.84
C TYR A 35 -11.18 14.86 -19.95
N ALA A 36 -10.43 15.92 -19.68
CA ALA A 36 -10.94 17.04 -18.91
C ALA A 36 -10.30 18.32 -19.41
N GLU A 37 -11.14 19.27 -19.81
CA GLU A 37 -10.64 20.54 -20.31
C GLU A 37 -10.68 21.60 -19.21
N ASN A 38 -9.51 22.06 -18.82
CA ASN A 38 -9.39 23.08 -17.79
C ASN A 38 -8.43 24.16 -18.24
N GLY A 39 -7.32 24.34 -17.53
CA GLY A 39 -6.40 25.41 -17.84
C GLY A 39 -5.37 25.12 -18.93
N PRO A 40 -4.44 26.07 -19.13
CA PRO A 40 -3.46 26.01 -20.22
C PRO A 40 -2.28 25.09 -19.92
N VAL A 41 -2.28 24.46 -18.74
CA VAL A 41 -1.27 23.46 -18.42
C VAL A 41 -1.91 22.07 -18.49
N GLY A 42 -1.31 21.18 -19.26
CA GLY A 42 -1.91 19.87 -19.49
C GLY A 42 -1.04 18.73 -19.01
N VAL A 43 -1.69 17.62 -18.70
CA VAL A 43 -1.00 16.41 -18.28
C VAL A 43 -1.52 15.23 -19.09
N LEU A 44 -0.59 14.50 -19.69
CA LEU A 44 -0.89 13.26 -20.42
C LEU A 44 -0.55 12.10 -19.52
N LEU A 45 -1.51 11.18 -19.33
CA LEU A 45 -1.29 10.02 -18.46
C LEU A 45 -1.37 8.74 -19.26
N VAL A 46 -0.35 7.90 -19.14
CA VAL A 46 -0.24 6.71 -19.97
C VAL A 46 -0.23 5.44 -19.14
N HIS A 47 -1.20 4.55 -19.40
CA HIS A 47 -1.27 3.26 -18.72
C HIS A 47 -0.29 2.24 -19.32
N GLY A 48 -0.27 1.05 -18.71
CA GLY A 48 0.68 0.03 -19.08
C GLY A 48 0.21 -1.10 -19.97
N PHE A 49 1.15 -1.99 -20.22
CA PHE A 49 1.04 -3.14 -21.10
C PHE A 49 0.05 -4.17 -20.52
N THR A 50 -0.97 -4.49 -21.31
CA THR A 50 -2.12 -5.33 -20.91
C THR A 50 -3.07 -4.62 -19.94
N GLY A 51 -2.72 -3.41 -19.51
CA GLY A 51 -3.58 -2.64 -18.62
C GLY A 51 -4.56 -1.73 -19.33
N THR A 52 -5.12 -0.77 -18.60
CA THR A 52 -6.18 0.10 -19.11
C THR A 52 -6.12 1.47 -18.39
N PRO A 53 -6.93 2.45 -18.86
CA PRO A 53 -6.96 3.73 -18.14
C PRO A 53 -7.26 3.62 -16.63
N HIS A 54 -7.87 2.52 -16.19
CA HIS A 54 -8.18 2.29 -14.78
C HIS A 54 -6.95 2.51 -13.89
N SER A 55 -5.78 2.11 -14.38
CA SER A 55 -4.55 2.20 -13.59
C SER A 55 -4.20 3.64 -13.25
N MET A 56 -4.59 4.57 -14.11
CA MET A 56 -4.14 5.95 -13.99
C MET A 56 -5.26 6.90 -13.57
N ARG A 57 -6.48 6.40 -13.53
CA ARG A 57 -7.65 7.26 -13.32
C ARG A 57 -7.64 8.11 -12.03
N PRO A 58 -7.23 7.52 -10.89
CA PRO A 58 -7.23 8.36 -9.68
C PRO A 58 -6.30 9.56 -9.80
N LEU A 59 -5.17 9.39 -10.49
CA LEU A 59 -4.24 10.49 -10.74
C LEU A 59 -4.88 11.53 -11.67
N ALA A 60 -5.45 11.02 -12.75
CA ALA A 60 -6.07 11.88 -13.75
C ALA A 60 -7.18 12.74 -13.13
N GLU A 61 -7.99 12.12 -12.26
CA GLU A 61 -9.08 12.86 -11.62
C GLU A 61 -8.56 13.91 -10.65
N ALA A 62 -7.50 13.56 -9.91
CA ALA A 62 -6.89 14.52 -8.99
C ALA A 62 -6.28 15.69 -9.74
N TYR A 63 -5.64 15.43 -10.88
CA TYR A 63 -4.99 16.52 -11.60
C TYR A 63 -6.03 17.45 -12.21
N ALA A 64 -7.16 16.90 -12.65
CA ALA A 64 -8.23 17.72 -13.23
C ALA A 64 -8.87 18.61 -12.16
N LYS A 65 -9.06 18.04 -10.97
CA LYS A 65 -9.66 18.77 -9.87
C LYS A 65 -8.75 19.92 -9.43
N ALA A 66 -7.45 19.76 -9.65
CA ALA A 66 -6.48 20.80 -9.32
C ALA A 66 -6.38 21.89 -10.40
N GLY A 67 -7.11 21.73 -11.50
CA GLY A 67 -7.14 22.76 -12.53
C GLY A 67 -6.37 22.45 -13.82
N TYR A 68 -5.75 21.29 -13.87
CA TYR A 68 -5.01 20.92 -15.08
C TYR A 68 -5.95 20.39 -16.15
N THR A 69 -5.62 20.69 -17.40
CA THR A 69 -6.24 19.98 -18.52
C THR A 69 -5.62 18.59 -18.57
N VAL A 70 -6.44 17.56 -18.77
CA VAL A 70 -5.99 16.18 -18.58
C VAL A 70 -6.38 15.30 -19.77
N CYS A 71 -5.44 14.46 -20.20
CA CYS A 71 -5.69 13.48 -21.25
C CYS A 71 -5.20 12.10 -20.80
N LEU A 72 -6.13 11.17 -20.67
CA LEU A 72 -5.82 9.79 -20.30
C LEU A 72 -6.38 8.88 -21.39
N PRO A 73 -5.57 8.59 -22.42
CA PRO A 73 -6.06 7.81 -23.56
C PRO A 73 -6.08 6.32 -23.26
N ARG A 74 -6.82 5.58 -24.07
CA ARG A 74 -6.80 4.13 -24.01
C ARG A 74 -5.91 3.63 -25.15
N LEU A 75 -4.84 2.92 -24.81
CA LEU A 75 -3.90 2.46 -25.83
C LEU A 75 -4.62 1.51 -26.76
N LYS A 76 -4.31 1.58 -28.06
CA LYS A 76 -4.93 0.66 -29.00
C LYS A 76 -4.71 -0.80 -28.60
N GLY A 77 -5.76 -1.61 -28.75
CA GLY A 77 -5.69 -3.02 -28.39
C GLY A 77 -5.77 -3.30 -26.90
N HIS A 78 -5.93 -2.25 -26.09
CA HIS A 78 -6.05 -2.41 -24.65
C HIS A 78 -7.46 -2.09 -24.17
N GLY A 79 -7.89 -2.75 -23.10
CA GLY A 79 -9.22 -2.52 -22.55
C GLY A 79 -10.34 -3.11 -23.40
N THR A 80 -9.99 -4.05 -24.27
CA THR A 80 -10.99 -4.75 -25.09
C THR A 80 -10.85 -6.25 -24.91
N HIS A 81 -9.89 -6.87 -25.60
CA HIS A 81 -9.62 -8.30 -25.45
C HIS A 81 -8.18 -8.55 -25.88
N TYR A 82 -7.52 -9.54 -25.27
CA TYR A 82 -6.14 -9.81 -25.62
C TYR A 82 -5.96 -10.18 -27.10
N GLU A 83 -7.02 -10.68 -27.75
CA GLU A 83 -6.95 -10.94 -29.19
C GLU A 83 -6.81 -9.65 -30.02
N ASP A 84 -7.41 -8.56 -29.55
CA ASP A 84 -7.17 -7.27 -30.18
C ASP A 84 -5.71 -6.84 -29.96
N MET A 85 -5.21 -7.04 -28.74
CA MET A 85 -3.85 -6.62 -28.41
C MET A 85 -2.84 -7.35 -29.31
N GLU A 86 -3.14 -8.63 -29.59
CA GLU A 86 -2.24 -9.46 -30.37
C GLU A 86 -2.09 -8.90 -31.78
N ARG A 87 -3.13 -8.22 -32.24
CA ARG A 87 -3.14 -7.63 -33.58
C ARG A 87 -2.50 -6.25 -33.65
N THR A 88 -2.06 -5.71 -32.52
CA THR A 88 -1.38 -4.41 -32.54
C THR A 88 0.14 -4.54 -32.54
N THR A 89 0.82 -3.47 -32.94
CA THR A 89 2.28 -3.39 -32.82
C THR A 89 2.61 -2.25 -31.86
N PHE A 90 3.87 -2.10 -31.48
CA PHE A 90 4.20 -0.98 -30.59
C PHE A 90 3.93 0.37 -31.25
N HIS A 91 3.92 0.41 -32.58
CA HIS A 91 3.60 1.65 -33.31
C HIS A 91 2.18 2.11 -33.01
N ASP A 92 1.26 1.15 -32.84
CA ASP A 92 -0.11 1.48 -32.43
C ASP A 92 -0.15 2.11 -31.04
N TRP A 93 0.66 1.59 -30.11
CA TRP A 93 0.65 2.14 -28.75
C TRP A 93 1.26 3.55 -28.76
N VAL A 94 2.32 3.73 -29.53
CA VAL A 94 2.90 5.07 -29.71
C VAL A 94 1.88 6.02 -30.33
N ALA A 95 1.11 5.52 -31.29
CA ALA A 95 0.13 6.35 -31.99
C ALA A 95 -0.94 6.85 -31.02
N SER A 96 -1.33 5.99 -30.08
CA SER A 96 -2.37 6.40 -29.13
C SER A 96 -1.87 7.55 -28.27
N VAL A 97 -0.60 7.48 -27.88
CA VAL A 97 0.03 8.51 -27.06
CA VAL A 97 -0.06 8.55 -27.04
C VAL A 97 0.27 9.81 -27.83
N GLU A 98 0.71 9.68 -29.09
CA GLU A 98 0.91 10.85 -29.95
C GLU A 98 -0.41 11.58 -30.15
N GLU A 99 -1.49 10.82 -30.32
CA GLU A 99 -2.81 11.42 -30.51
C GLU A 99 -3.25 12.18 -29.27
N GLY A 100 -2.98 11.62 -28.10
CA GLY A 100 -3.31 12.29 -26.85
C GLY A 100 -2.44 13.51 -26.63
N TYR A 101 -1.14 13.38 -26.91
CA TYR A 101 -0.25 14.53 -26.90
C TYR A 101 -0.78 15.66 -27.83
N GLY A 102 -1.23 15.28 -29.03
CA GLY A 102 -1.75 16.25 -29.99
C GLY A 102 -3.02 16.94 -29.49
N TRP A 103 -3.90 16.18 -28.85
CA TRP A 103 -5.11 16.73 -28.22
C TRP A 103 -4.72 17.82 -27.22
N LEU A 104 -3.70 17.56 -26.40
CA LEU A 104 -3.25 18.54 -25.42
C LEU A 104 -2.57 19.76 -26.06
N LYS A 105 -1.82 19.55 -27.13
CA LYS A 105 -1.14 20.65 -27.79
C LYS A 105 -2.13 21.66 -28.35
N GLN A 106 -3.31 21.18 -28.71
CA GLN A 106 -4.31 22.07 -29.30
C GLN A 106 -4.96 22.94 -28.22
N ARG A 107 -4.67 22.62 -26.96
CA ARG A 107 -5.36 23.24 -25.83
C ARG A 107 -4.45 23.86 -24.76
N CYS A 108 -3.16 23.52 -24.81
CA CYS A 108 -2.23 23.82 -23.71
C CYS A 108 -0.90 24.38 -24.17
N GLN A 109 -0.37 25.32 -23.39
CA GLN A 109 0.95 25.91 -23.67
C GLN A 109 2.05 25.12 -22.96
N THR A 110 1.69 24.43 -21.89
CA THR A 110 2.64 23.64 -21.14
C THR A 110 2.12 22.22 -21.05
N ILE A 111 2.96 21.22 -21.34
CA ILE A 111 2.50 19.83 -21.28
C ILE A 111 3.46 18.94 -20.49
N PHE A 112 2.92 18.20 -19.54
CA PHE A 112 3.64 17.20 -18.76
C PHE A 112 3.14 15.81 -19.12
N VAL A 113 4.01 14.80 -18.99
CA VAL A 113 3.61 13.43 -19.28
C VAL A 113 4.00 12.52 -18.12
N THR A 114 3.10 11.63 -17.73
CA THR A 114 3.36 10.70 -16.65
C THR A 114 2.79 9.34 -17.07
N GLY A 115 3.37 8.24 -16.57
CA GLY A 115 2.86 6.93 -16.97
C GLY A 115 3.43 5.80 -16.13
N LEU A 116 2.69 4.71 -16.07
CA LEU A 116 3.08 3.56 -15.27
C LEU A 116 3.56 2.41 -16.15
N SER A 117 4.71 1.83 -15.80
CA SER A 117 5.20 0.62 -16.48
C SER A 117 5.54 0.92 -17.96
N MET A 118 4.93 0.21 -18.89
CA MET A 118 5.08 0.61 -20.31
C MET A 118 4.54 2.02 -20.56
N GLY A 119 3.61 2.48 -19.74
CA GLY A 119 3.18 3.87 -19.83
C GLY A 119 4.33 4.81 -19.51
N GLY A 120 5.21 4.36 -18.62
CA GLY A 120 6.42 5.09 -18.31
C GLY A 120 7.40 4.99 -19.47
N THR A 121 7.46 3.83 -20.10
CA THR A 121 8.29 3.70 -21.31
C THR A 121 7.84 4.70 -22.39
N LEU A 122 6.53 4.79 -22.58
CA LEU A 122 5.96 5.67 -23.60
C LEU A 122 6.11 7.16 -23.25
N THR A 123 6.12 7.46 -21.96
CA THR A 123 6.42 8.80 -21.46
C THR A 123 7.82 9.22 -21.88
N LEU A 124 8.78 8.33 -21.65
CA LEU A 124 10.16 8.58 -22.07
C LEU A 124 10.25 8.72 -23.59
N TYR A 125 9.60 7.80 -24.32
CA TYR A 125 9.60 7.82 -25.78
C TYR A 125 9.07 9.15 -26.35
N LEU A 126 7.95 9.61 -25.82
CA LEU A 126 7.37 10.87 -26.29
C LEU A 126 8.33 12.05 -26.01
N ALA A 127 8.93 12.09 -24.84
CA ALA A 127 9.89 13.15 -24.52
C ALA A 127 11.15 13.11 -25.42
N GLU A 128 11.54 11.92 -25.87
CA GLU A 128 12.68 11.77 -26.77
C GLU A 128 12.40 12.32 -28.16
N HIS A 129 11.12 12.48 -28.50
CA HIS A 129 10.75 12.92 -29.85
C HIS A 129 10.10 14.31 -29.90
N HIS A 130 9.88 14.89 -28.71
CA HIS A 130 9.23 16.18 -28.59
C HIS A 130 9.88 17.03 -27.50
N PRO A 131 10.80 17.94 -27.89
CA PRO A 131 11.52 18.72 -26.88
C PRO A 131 10.62 19.73 -26.15
N ASP A 132 9.45 20.01 -26.70
CA ASP A 132 8.55 20.95 -26.05
C ASP A 132 7.91 20.45 -24.75
N ILE A 133 8.02 19.15 -24.48
CA ILE A 133 7.45 18.59 -23.25
C ILE A 133 8.22 19.14 -22.05
N CYS A 134 7.48 19.69 -21.08
CA CYS A 134 8.10 20.50 -20.04
CA CYS A 134 8.04 20.50 -20.00
C CYS A 134 8.55 19.69 -18.81
N GLY A 135 8.20 18.42 -18.76
CA GLY A 135 8.59 17.58 -17.64
C GLY A 135 7.94 16.22 -17.69
N ILE A 136 8.60 15.22 -17.12
CA ILE A 136 8.08 13.85 -17.14
C ILE A 136 8.05 13.22 -15.76
N VAL A 137 7.05 12.37 -15.53
CA VAL A 137 6.95 11.66 -14.26
C VAL A 137 6.73 10.16 -14.54
N PRO A 138 7.81 9.46 -14.89
CA PRO A 138 7.68 8.02 -15.12
C PRO A 138 7.55 7.26 -13.78
N ILE A 139 6.66 6.28 -13.72
CA ILE A 139 6.42 5.51 -12.51
C ILE A 139 6.65 4.02 -12.80
N ASN A 140 7.66 3.43 -12.14
CA ASN A 140 8.09 2.07 -12.45
C ASN A 140 8.17 1.84 -13.96
N ALA A 141 8.77 2.81 -14.64
CA ALA A 141 8.96 2.74 -16.08
C ALA A 141 9.93 1.61 -16.47
N ALA A 142 9.68 1.00 -17.63
CA ALA A 142 10.46 -0.16 -18.07
C ALA A 142 11.30 0.15 -19.32
N VAL A 143 12.62 0.02 -19.21
CA VAL A 143 13.50 0.09 -20.38
C VAL A 143 14.35 -1.15 -20.57
N ASP A 144 14.40 -2.02 -19.56
CA ASP A 144 15.13 -3.27 -19.64
C ASP A 144 14.47 -4.31 -18.75
N ILE A 145 13.91 -5.35 -19.36
CA ILE A 145 13.31 -6.44 -18.62
C ILE A 145 13.92 -7.77 -19.06
N PRO A 146 15.02 -8.20 -18.40
CA PRO A 146 15.75 -9.40 -18.82
C PRO A 146 14.87 -10.66 -18.88
N ALA A 147 13.79 -10.70 -18.12
CA ALA A 147 12.89 -11.85 -18.13
C ALA A 147 12.32 -12.15 -19.51
N ILE A 148 12.12 -11.13 -20.35
CA ILE A 148 11.61 -11.37 -21.69
C ILE A 148 12.60 -12.17 -22.54
N ALA A 149 13.84 -11.69 -22.62
CA ALA A 149 14.89 -12.42 -23.34
C ALA A 149 15.06 -13.85 -22.81
N ALA A 150 15.02 -14.01 -21.49
CA ALA A 150 15.19 -15.32 -20.87
C ALA A 150 14.17 -16.32 -21.42
N GLY A 151 12.90 -15.95 -21.34
CA GLY A 151 11.84 -16.82 -21.85
C GLY A 151 11.86 -16.97 -23.35
N MET A 152 12.17 -15.89 -24.08
CA MET A 152 12.21 -15.95 -25.54
C MET A 152 13.31 -16.86 -26.05
N LEU A 158 6.94 -19.24 -25.57
CA LEU A 158 6.61 -20.57 -26.09
C LEU A 158 5.12 -20.71 -26.52
N PRO A 159 4.16 -20.59 -25.59
CA PRO A 159 2.78 -20.71 -26.05
C PRO A 159 2.31 -19.43 -26.73
N ARG A 160 1.19 -19.47 -27.44
CA ARG A 160 0.70 -18.27 -28.12
C ARG A 160 0.27 -17.21 -27.10
N TYR A 161 -0.35 -17.65 -26.01
CA TYR A 161 -0.77 -16.75 -24.94
C TYR A 161 -0.27 -17.26 -23.61
N LEU A 162 0.23 -16.35 -22.79
CA LEU A 162 0.72 -16.72 -21.47
C LEU A 162 -0.34 -16.36 -20.46
N ASP A 163 -0.57 -17.24 -19.49
CA ASP A 163 -1.49 -16.88 -18.41
C ASP A 163 -0.91 -15.70 -17.66
N SER A 164 -1.72 -14.67 -17.49
CA SER A 164 -1.27 -13.49 -16.75
C SER A 164 -1.21 -13.82 -15.28
N ILE A 165 -0.14 -13.38 -14.63
CA ILE A 165 -0.02 -13.54 -13.19
C ILE A 165 -0.83 -12.41 -12.57
N GLY A 166 -1.30 -12.61 -11.35
CA GLY A 166 -2.13 -11.61 -10.68
C GLY A 166 -1.45 -10.26 -10.61
N SER A 167 -2.24 -9.20 -10.44
CA SER A 167 -1.71 -7.85 -10.37
C SER A 167 -0.78 -7.68 -9.18
N ASP A 168 0.36 -7.06 -9.41
CA ASP A 168 1.37 -6.90 -8.38
C ASP A 168 1.05 -5.68 -7.50
N LEU A 169 0.22 -5.89 -6.50
CA LEU A 169 -0.19 -4.84 -5.57
C LEU A 169 0.07 -5.29 -4.13
N LYS A 170 0.59 -4.39 -3.30
CA LYS A 170 0.78 -4.72 -1.89
C LYS A 170 -0.56 -4.77 -1.16
N ASN A 171 -1.46 -3.88 -1.53
CA ASN A 171 -2.83 -3.92 -1.02
C ASN A 171 -3.68 -4.95 -1.77
N PRO A 172 -4.04 -6.05 -1.09
CA PRO A 172 -4.76 -7.12 -1.77
C PRO A 172 -6.21 -6.74 -2.08
N ASP A 173 -6.70 -5.66 -1.49
CA ASP A 173 -8.09 -5.25 -1.67
C ASP A 173 -8.30 -4.58 -3.03
N VAL A 174 -7.22 -4.10 -3.64
CA VAL A 174 -7.33 -3.34 -4.89
C VAL A 174 -7.68 -4.25 -6.08
N LYS A 175 -8.58 -3.77 -6.92
CA LYS A 175 -8.94 -4.51 -8.13
C LYS A 175 -8.45 -3.79 -9.37
N GLU A 176 -7.37 -4.32 -9.94
CA GLU A 176 -6.78 -3.78 -11.15
C GLU A 176 -7.41 -4.47 -12.36
N LEU A 177 -7.46 -3.76 -13.49
CA LEU A 177 -8.07 -4.26 -14.71
C LEU A 177 -6.95 -4.56 -15.68
N ALA A 178 -6.77 -5.84 -15.99
CA ALA A 178 -5.70 -6.26 -16.90
C ALA A 178 -6.11 -7.56 -17.57
N TYR A 179 -5.64 -7.75 -18.80
CA TYR A 179 -5.96 -8.97 -19.54
C TYR A 179 -5.53 -10.24 -18.79
N GLU A 180 -6.37 -11.27 -18.90
CA GLU A 180 -6.15 -12.56 -18.24
C GLU A 180 -5.05 -13.37 -18.95
N LYS A 181 -4.78 -13.04 -20.21
CA LYS A 181 -3.68 -13.66 -20.97
C LYS A 181 -2.87 -12.58 -21.69
N THR A 182 -1.57 -12.85 -21.84
CA THR A 182 -0.67 -11.95 -22.54
C THR A 182 -0.20 -12.66 -23.82
N PRO A 183 -0.45 -12.05 -24.99
CA PRO A 183 0.05 -12.68 -26.21
C PRO A 183 1.57 -12.59 -26.24
N THR A 184 2.28 -13.70 -26.47
CA THR A 184 3.73 -13.63 -26.47
C THR A 184 4.26 -12.73 -27.60
N ALA A 185 3.54 -12.68 -28.72
CA ALA A 185 3.93 -11.80 -29.82
C ALA A 185 4.00 -10.34 -29.35
N SER A 186 3.13 -9.98 -28.41
CA SER A 186 3.09 -8.64 -27.86
C SER A 186 4.29 -8.34 -26.98
N LEU A 187 4.84 -9.37 -26.34
CA LEU A 187 6.07 -9.19 -25.58
C LEU A 187 7.24 -8.81 -26.48
N LEU A 188 7.28 -9.33 -27.70
CA LEU A 188 8.32 -8.93 -28.64
C LEU A 188 8.19 -7.45 -29.04
N GLN A 189 6.95 -6.99 -29.22
CA GLN A 189 6.68 -5.59 -29.51
C GLN A 189 7.18 -4.69 -28.37
N LEU A 190 6.86 -5.09 -27.14
CA LEU A 190 7.31 -4.34 -25.97
C LEU A 190 8.84 -4.28 -25.92
N ALA A 191 9.48 -5.42 -26.17
CA ALA A 191 10.93 -5.49 -26.14
C ALA A 191 11.55 -4.53 -27.15
N ARG A 192 10.97 -4.44 -28.34
CA ARG A 192 11.44 -3.50 -29.36
C ARG A 192 11.27 -2.05 -28.91
N LEU A 193 10.09 -1.72 -28.37
CA LEU A 193 9.83 -0.38 -27.87
C LEU A 193 10.82 -0.01 -26.76
N MET A 194 11.02 -0.93 -25.82
CA MET A 194 11.96 -0.68 -24.73
C MET A 194 13.39 -0.48 -25.23
N ALA A 195 13.82 -1.31 -26.18
CA ALA A 195 15.15 -1.18 -26.75
C ALA A 195 15.35 0.19 -27.42
N GLN A 196 14.36 0.63 -28.19
CA GLN A 196 14.47 1.94 -28.86
C GLN A 196 14.47 3.08 -27.83
N THR A 197 13.60 2.98 -26.84
CA THR A 197 13.50 4.00 -25.79
C THR A 197 14.79 4.10 -24.99
N LYS A 198 15.36 2.96 -24.63
CA LYS A 198 16.61 2.95 -23.88
C LYS A 198 17.72 3.64 -24.69
N ALA A 199 17.77 3.37 -25.99
CA ALA A 199 18.86 3.88 -26.84
C ALA A 199 18.82 5.39 -26.98
N LYS A 200 17.64 5.98 -26.81
CA LYS A 200 17.46 7.40 -27.10
C LYS A 200 17.35 8.26 -25.84
N LEU A 201 17.62 7.67 -24.67
CA LEU A 201 17.40 8.36 -23.40
C LEU A 201 18.10 9.70 -23.31
N ASP A 202 19.28 9.80 -23.92
CA ASP A 202 20.03 11.06 -23.82
C ASP A 202 19.39 12.24 -24.56
N ARG A 203 18.34 11.99 -25.34
CA ARG A 203 17.60 13.09 -25.98
C ARG A 203 16.71 13.87 -25.00
N ILE A 204 16.46 13.29 -23.84
CA ILE A 204 15.61 13.92 -22.83
C ILE A 204 16.39 14.96 -22.00
N VAL A 205 15.90 16.20 -21.99
CA VAL A 205 16.54 17.25 -21.20
C VAL A 205 15.59 17.91 -20.21
N CYS A 206 14.29 17.63 -20.35
CA CYS A 206 13.28 18.22 -19.47
C CYS A 206 13.41 17.66 -18.06
N PRO A 207 12.94 18.42 -17.06
CA PRO A 207 12.96 17.91 -15.68
C PRO A 207 12.28 16.56 -15.55
N ALA A 208 12.76 15.74 -14.62
CA ALA A 208 12.23 14.38 -14.46
C ALA A 208 12.07 14.03 -12.99
N LEU A 209 10.91 13.49 -12.66
CA LEU A 209 10.65 13.00 -11.33
C LEU A 209 10.35 11.52 -11.55
N ILE A 210 11.29 10.67 -11.12
CA ILE A 210 11.23 9.24 -11.43
C ILE A 210 10.81 8.50 -10.16
N PHE A 211 9.62 7.89 -10.18
CA PHE A 211 9.16 7.06 -9.06
C PHE A 211 9.53 5.59 -9.27
N VAL A 212 9.91 4.93 -8.18
CA VAL A 212 10.26 3.52 -8.22
C VAL A 212 9.84 2.82 -6.94
N SER A 213 9.16 1.69 -7.08
CA SER A 213 8.79 0.86 -5.93
C SER A 213 9.95 -0.06 -5.57
N ASP A 214 10.42 0.03 -4.32
CA ASP A 214 11.52 -0.85 -3.90
C ASP A 214 11.16 -2.30 -4.14
N GLU A 215 9.90 -2.63 -3.90
CA GLU A 215 9.45 -4.02 -4.03
C GLU A 215 8.61 -4.27 -5.28
N ASP A 216 8.96 -3.60 -6.38
CA ASP A 216 8.38 -3.94 -7.66
C ASP A 216 8.82 -5.37 -8.05
N HIS A 217 7.84 -6.25 -8.24
CA HIS A 217 8.10 -7.65 -8.61
C HIS A 217 7.93 -7.90 -10.11
N VAL A 218 7.71 -6.83 -10.87
CA VAL A 218 7.46 -6.90 -12.32
C VAL A 218 8.54 -6.22 -13.14
N VAL A 219 8.79 -4.96 -12.81
CA VAL A 219 9.82 -4.18 -13.48
C VAL A 219 10.98 -4.01 -12.51
N PRO A 220 12.14 -4.59 -12.84
CA PRO A 220 13.28 -4.49 -11.92
C PRO A 220 13.58 -3.02 -11.55
N PRO A 221 13.65 -2.72 -10.25
CA PRO A 221 13.74 -1.31 -9.79
C PRO A 221 14.97 -0.59 -10.33
N GLY A 222 16.03 -1.33 -10.67
CA GLY A 222 17.20 -0.73 -11.27
C GLY A 222 16.91 0.07 -12.55
N ASN A 223 15.77 -0.21 -13.18
CA ASN A 223 15.31 0.59 -14.31
C ASN A 223 15.31 2.09 -14.00
N ALA A 224 15.00 2.43 -12.75
CA ALA A 224 14.95 3.83 -12.35
C ALA A 224 16.29 4.50 -12.58
N ASP A 225 17.36 3.77 -12.25
CA ASP A 225 18.72 4.28 -12.39
C ASP A 225 19.23 4.24 -13.83
N ILE A 226 18.77 3.29 -14.62
CA ILE A 226 19.11 3.31 -16.05
C ILE A 226 18.58 4.63 -16.63
N ILE A 227 17.35 4.95 -16.28
CA ILE A 227 16.72 6.19 -16.73
C ILE A 227 17.45 7.44 -16.20
N PHE A 228 17.67 7.48 -14.89
CA PHE A 228 18.32 8.62 -14.27
C PHE A 228 19.69 8.92 -14.88
N GLN A 229 20.49 7.88 -15.09
CA GLN A 229 21.82 8.05 -15.69
C GLN A 229 21.77 8.32 -17.20
N GLY A 230 20.77 7.76 -17.87
CA GLY A 230 20.64 7.86 -19.31
C GLY A 230 20.18 9.20 -19.84
N ILE A 231 19.23 9.85 -19.16
CA ILE A 231 18.71 11.13 -19.63
C ILE A 231 19.72 12.24 -19.43
N SER A 232 19.57 13.31 -20.19
CA SER A 232 20.50 14.44 -20.17
C SER A 232 20.07 15.55 -19.22
N SER A 233 18.89 15.39 -18.63
CA SER A 233 18.32 16.38 -17.71
C SER A 233 19.24 16.80 -16.56
N THR A 234 19.23 18.09 -16.24
CA THR A 234 19.97 18.64 -15.11
C THR A 234 19.08 18.64 -13.87
N GLU A 235 17.77 18.59 -14.09
CA GLU A 235 16.83 18.52 -12.97
CA GLU A 235 16.81 18.55 -12.99
C GLU A 235 16.14 17.18 -12.97
N LYS A 236 16.64 16.30 -12.12
CA LYS A 236 16.15 14.93 -12.10
C LYS A 236 16.32 14.35 -10.72
N GLU A 237 15.41 13.48 -10.33
CA GLU A 237 15.51 12.81 -9.04
C GLU A 237 14.75 11.49 -9.08
N ILE A 238 15.16 10.58 -8.22
CA ILE A 238 14.46 9.33 -8.04
C ILE A 238 13.79 9.35 -6.67
N VAL A 239 12.48 9.10 -6.64
CA VAL A 239 11.74 8.98 -5.38
C VAL A 239 11.36 7.52 -5.17
N ARG A 240 11.89 6.93 -4.11
CA ARG A 240 11.61 5.53 -3.82
C ARG A 240 10.34 5.37 -3.01
N LEU A 241 9.51 4.43 -3.43
CA LEU A 241 8.26 4.15 -2.74
C LEU A 241 8.43 2.88 -1.95
N ARG A 242 8.18 2.98 -0.64
CA ARG A 242 8.48 1.90 0.28
C ARG A 242 7.25 1.12 0.72
N ASN A 243 6.07 1.48 0.21
CA ASN A 243 4.84 0.82 0.64
C ASN A 243 3.96 0.41 -0.53
N SER A 244 4.58 0.10 -1.66
CA SER A 244 3.86 -0.25 -2.88
C SER A 244 4.61 -1.32 -3.63
N TYR A 245 3.89 -2.15 -4.38
CA TYR A 245 4.53 -3.03 -5.35
C TYR A 245 4.42 -2.36 -6.71
N HIS A 246 4.34 -3.13 -7.79
CA HIS A 246 4.42 -2.54 -9.12
C HIS A 246 3.33 -1.51 -9.45
N VAL A 247 2.08 -1.84 -9.17
CA VAL A 247 0.97 -0.97 -9.58
C VAL A 247 0.82 0.13 -8.52
N ALA A 248 1.84 0.98 -8.45
CA ALA A 248 1.95 1.92 -7.33
C ALA A 248 0.87 2.97 -7.39
N THR A 249 0.42 3.31 -8.60
CA THR A 249 -0.65 4.30 -8.77
C THR A 249 -1.96 3.95 -8.08
N LEU A 250 -2.16 2.68 -7.76
CA LEU A 250 -3.37 2.22 -7.10
C LEU A 250 -3.09 1.68 -5.71
N ASP A 251 -1.82 1.71 -5.31
CA ASP A 251 -1.35 1.02 -4.11
C ASP A 251 -1.26 2.01 -2.95
N TYR A 252 -0.66 1.60 -1.83
CA TYR A 252 -0.66 2.47 -0.65
C TYR A 252 0.01 3.84 -0.85
N ASP A 253 0.97 3.92 -1.77
CA ASP A 253 1.70 5.18 -1.95
C ASP A 253 1.03 6.12 -2.95
N GLN A 254 -0.14 5.74 -3.46
CA GLN A 254 -0.90 6.64 -4.33
C GLN A 254 -0.94 8.13 -3.88
N PRO A 255 -1.33 8.39 -2.61
CA PRO A 255 -1.43 9.82 -2.21
C PRO A 255 -0.13 10.59 -2.41
N MET A 256 1.01 9.94 -2.14
CA MET A 256 2.31 10.58 -2.25
C MET A 256 2.67 10.84 -3.71
N ILE A 257 2.30 9.91 -4.59
CA ILE A 257 2.54 10.10 -6.02
C ILE A 257 1.75 11.31 -6.51
N ILE A 258 0.48 11.39 -6.11
CA ILE A 258 -0.36 12.51 -6.52
C ILE A 258 0.18 13.83 -5.96
N GLU A 259 0.49 13.87 -4.67
CA GLU A 259 0.96 15.11 -4.06
C GLU A 259 2.28 15.60 -4.65
N ARG A 260 3.26 14.71 -4.78
CA ARG A 260 4.55 15.12 -5.32
C ARG A 260 4.45 15.49 -6.79
N SER A 261 3.59 14.80 -7.53
CA SER A 261 3.39 15.13 -8.95
C SER A 261 2.80 16.52 -9.10
N LEU A 262 1.80 16.84 -8.29
CA LEU A 262 1.24 18.19 -8.32
C LEU A 262 2.29 19.26 -8.02
N GLU A 263 3.16 19.03 -7.03
CA GLU A 263 4.21 19.99 -6.70
C GLU A 263 5.16 20.19 -7.88
N PHE A 264 5.44 19.09 -8.58
CA PHE A 264 6.36 19.08 -9.71
C PHE A 264 5.75 19.87 -10.87
N PHE A 265 4.47 19.65 -11.13
CA PHE A 265 3.79 20.37 -12.21
C PHE A 265 3.79 21.87 -11.96
N ALA A 266 3.48 22.28 -10.74
CA ALA A 266 3.39 23.70 -10.42
C ALA A 266 4.76 24.36 -10.53
N LYS A 267 5.80 23.64 -10.12
CA LYS A 267 7.15 24.20 -10.11
C LYS A 267 7.65 24.48 -11.52
N HIS A 268 7.32 23.59 -12.44
CA HIS A 268 7.86 23.67 -13.80
C HIS A 268 6.91 24.26 -14.83
N ALA A 269 5.67 24.54 -14.45
CA ALA A 269 4.68 25.08 -15.38
C ALA A 269 5.08 26.46 -15.92
N GLY A 270 4.77 26.70 -17.20
CA GLY A 270 4.97 28.00 -17.80
C GLY A 270 4.01 29.04 -17.27
N SER B 22 -15.09 -12.14 0.16
CA SER B 22 -14.09 -13.17 0.44
C SER B 22 -14.48 -13.98 1.68
N GLU B 23 -14.79 -13.30 2.78
CA GLU B 23 -15.29 -13.97 3.98
C GLU B 23 -16.62 -14.67 3.71
N GLN B 24 -16.67 -15.96 4.01
CA GLN B 24 -17.89 -16.72 3.73
C GLN B 24 -18.85 -16.80 4.91
N TYR B 25 -18.33 -16.62 6.13
CA TYR B 25 -19.17 -16.67 7.32
C TYR B 25 -19.57 -15.27 7.82
N PRO B 26 -20.71 -15.17 8.52
CA PRO B 26 -21.14 -13.88 9.04
C PRO B 26 -20.33 -13.43 10.26
N VAL B 27 -20.39 -12.14 10.57
CA VAL B 27 -19.67 -11.59 11.72
C VAL B 27 -20.32 -12.03 13.03
N LEU B 28 -19.50 -12.54 13.93
CA LEU B 28 -19.96 -13.05 15.22
C LEU B 28 -20.47 -11.91 16.07
N SER B 29 -21.46 -12.21 16.92
CA SER B 29 -21.95 -11.21 17.85
C SER B 29 -20.82 -10.81 18.79
N GLY B 30 -20.55 -9.52 18.88
CA GLY B 30 -19.47 -9.02 19.70
C GLY B 30 -18.21 -8.69 18.92
N ALA B 31 -18.12 -9.15 17.67
CA ALA B 31 -16.91 -8.93 16.87
C ALA B 31 -17.00 -7.75 15.91
N GLU B 32 -18.05 -6.95 16.04
CA GLU B 32 -18.24 -5.83 15.13
C GLU B 32 -17.18 -4.76 15.32
N PRO B 33 -16.75 -4.12 14.23
CA PRO B 33 -15.80 -3.00 14.38
C PRO B 33 -16.46 -1.80 15.08
N PHE B 34 -15.65 -0.87 15.56
CA PHE B 34 -16.16 0.28 16.30
C PHE B 34 -15.51 1.56 15.79
N TYR B 35 -16.34 2.54 15.43
CA TYR B 35 -15.85 3.83 14.99
C TYR B 35 -16.50 4.92 15.85
N ALA B 36 -15.75 5.98 16.10
CA ALA B 36 -16.28 7.14 16.80
C ALA B 36 -15.63 8.41 16.27
N GLU B 37 -16.45 9.36 15.84
CA GLU B 37 -15.93 10.63 15.37
C GLU B 37 -16.07 11.69 16.45
N ASN B 38 -14.93 12.16 16.94
CA ASN B 38 -14.90 13.18 17.98
C ASN B 38 -13.91 14.27 17.61
N GLY B 39 -12.83 14.40 18.39
CA GLY B 39 -11.87 15.46 18.18
C GLY B 39 -10.81 15.17 17.12
N PRO B 40 -9.88 16.11 16.94
CA PRO B 40 -8.88 16.06 15.86
C PRO B 40 -7.73 15.08 16.12
N VAL B 41 -7.74 14.44 17.29
CA VAL B 41 -6.70 13.46 17.60
C VAL B 41 -7.31 12.07 17.51
N GLY B 42 -6.69 11.18 16.74
CA GLY B 42 -7.26 9.88 16.48
C GLY B 42 -6.45 8.73 17.06
N VAL B 43 -7.12 7.66 17.44
CA VAL B 43 -6.41 6.47 17.94
C VAL B 43 -6.91 5.28 17.15
N LEU B 44 -5.98 4.52 16.58
CA LEU B 44 -6.29 3.27 15.91
C LEU B 44 -5.99 2.14 16.88
N LEU B 45 -6.93 1.22 17.04
CA LEU B 45 -6.78 0.09 17.96
C LEU B 45 -6.83 -1.23 17.20
N VAL B 46 -5.79 -2.04 17.36
CA VAL B 46 -5.67 -3.27 16.58
C VAL B 46 -5.75 -4.51 17.46
N HIS B 47 -6.71 -5.40 17.15
CA HIS B 47 -6.83 -6.66 17.90
C HIS B 47 -5.85 -7.72 17.42
N GLY B 48 -5.82 -8.86 18.09
CA GLY B 48 -4.83 -9.88 17.79
C GLY B 48 -5.28 -11.05 16.92
N PHE B 49 -4.33 -11.96 16.70
CA PHE B 49 -4.42 -13.17 15.90
C PHE B 49 -5.45 -14.16 16.49
N THR B 50 -6.47 -14.47 15.69
CA THR B 50 -7.66 -15.28 16.05
C THR B 50 -8.65 -14.52 16.93
N GLY B 51 -8.31 -13.29 17.31
CA GLY B 51 -9.15 -12.47 18.17
C GLY B 51 -10.10 -11.59 17.36
N THR B 52 -10.75 -10.65 18.03
CA THR B 52 -11.78 -9.80 17.42
C THR B 52 -11.72 -8.42 18.08
N PRO B 53 -12.48 -7.46 17.54
CA PRO B 53 -12.56 -6.15 18.22
C PRO B 53 -12.93 -6.19 19.70
N HIS B 54 -13.54 -7.28 20.14
CA HIS B 54 -13.93 -7.42 21.54
C HIS B 54 -12.76 -7.18 22.50
N SER B 55 -11.56 -7.63 22.13
N SER B 55 -11.56 -7.65 22.11
CA SER B 55 -10.41 -7.50 23.01
CA SER B 55 -10.37 -7.52 22.95
C SER B 55 -9.96 -6.05 23.22
C SER B 55 -10.01 -6.06 23.24
N MET B 56 -10.31 -5.17 22.29
CA MET B 56 -9.90 -3.76 22.40
C MET B 56 -11.06 -2.81 22.70
N ARG B 57 -12.26 -3.34 22.74
CA ARG B 57 -13.46 -2.49 22.82
C ARG B 57 -13.50 -1.58 24.06
N PRO B 58 -13.17 -2.13 25.26
CA PRO B 58 -13.22 -1.24 26.43
C PRO B 58 -12.27 -0.05 26.32
N LEU B 59 -11.11 -0.28 25.72
CA LEU B 59 -10.15 0.81 25.47
C LEU B 59 -10.72 1.81 24.47
N ALA B 60 -11.26 1.28 23.38
CA ALA B 60 -11.84 2.15 22.33
C ALA B 60 -12.93 3.03 22.89
N GLU B 61 -13.82 2.43 23.69
CA GLU B 61 -14.91 3.17 24.30
C GLU B 61 -14.43 4.23 25.29
N ALA B 62 -13.41 3.90 26.06
CA ALA B 62 -12.86 4.85 27.02
C ALA B 62 -12.20 6.03 26.33
N TYR B 63 -11.51 5.76 25.22
CA TYR B 63 -10.84 6.85 24.48
C TYR B 63 -11.85 7.77 23.77
N ALA B 64 -12.93 7.19 23.26
CA ALA B 64 -13.98 8.02 22.67
C ALA B 64 -14.65 8.91 23.71
N LYS B 65 -14.88 8.37 24.90
CA LYS B 65 -15.50 9.19 25.96
C LYS B 65 -14.57 10.31 26.40
N ALA B 66 -13.26 10.11 26.20
CA ALA B 66 -12.26 11.12 26.55
C ALA B 66 -12.12 12.20 25.48
N GLY B 67 -12.86 12.06 24.39
CA GLY B 67 -12.84 13.06 23.34
C GLY B 67 -12.05 12.71 22.09
N TYR B 68 -11.44 11.53 22.08
CA TYR B 68 -10.68 11.10 20.92
C TYR B 68 -11.53 10.51 19.82
N THR B 69 -11.14 10.74 18.57
CA THR B 69 -11.68 9.99 17.45
C THR B 69 -11.03 8.61 17.47
N VAL B 70 -11.83 7.57 17.23
CA VAL B 70 -11.39 6.20 17.46
C VAL B 70 -11.75 5.33 16.28
N CYS B 71 -10.82 4.47 15.89
CA CYS B 71 -11.06 3.49 14.84
C CYS B 71 -10.60 2.13 15.35
N LEU B 72 -11.54 1.20 15.46
CA LEU B 72 -11.26 -0.17 15.90
C LEU B 72 -11.75 -1.14 14.82
N PRO B 73 -10.88 -1.48 13.86
CA PRO B 73 -11.33 -2.33 12.75
C PRO B 73 -11.39 -3.82 13.11
N ARG B 74 -12.13 -4.57 12.30
CA ARG B 74 -12.13 -6.02 12.37
C ARG B 74 -11.15 -6.51 11.31
N LEU B 75 -10.13 -7.24 11.70
CA LEU B 75 -9.14 -7.72 10.74
C LEU B 75 -9.79 -8.71 9.79
N LYS B 76 -9.41 -8.69 8.51
CA LYS B 76 -9.98 -9.64 7.56
C LYS B 76 -9.79 -11.07 8.04
N GLY B 77 -10.84 -11.88 7.88
CA GLY B 77 -10.79 -13.28 8.25
C GLY B 77 -10.96 -13.53 9.74
N HIS B 78 -11.11 -12.44 10.50
CA HIS B 78 -11.29 -12.50 11.95
C HIS B 78 -12.72 -12.18 12.36
N GLY B 79 -13.17 -12.72 13.48
CA GLY B 79 -14.53 -12.49 13.93
C GLY B 79 -15.62 -13.15 13.10
N THR B 80 -15.25 -14.09 12.23
CA THR B 80 -16.24 -14.82 11.45
C THR B 80 -16.13 -16.32 11.74
N HIS B 81 -15.23 -17.00 11.03
CA HIS B 81 -14.95 -18.42 11.29
C HIS B 81 -13.48 -18.70 10.92
N TYR B 82 -12.87 -19.70 11.56
CA TYR B 82 -11.46 -19.98 11.29
C TYR B 82 -11.20 -20.42 9.83
N GLU B 83 -12.21 -20.98 9.17
CA GLU B 83 -12.08 -21.33 7.75
C GLU B 83 -11.84 -20.09 6.89
N ASP B 84 -12.45 -18.97 7.28
CA ASP B 84 -12.19 -17.71 6.58
C ASP B 84 -10.77 -17.21 6.88
N MET B 85 -10.32 -17.37 8.12
CA MET B 85 -8.99 -16.90 8.51
C MET B 85 -7.92 -17.64 7.72
N GLU B 86 -8.12 -18.94 7.57
CA GLU B 86 -7.20 -19.78 6.81
C GLU B 86 -7.04 -19.28 5.37
N ARG B 87 -8.10 -18.68 4.83
CA ARG B 87 -8.07 -18.17 3.46
C ARG B 87 -7.34 -16.83 3.34
N THR B 88 -6.90 -16.27 4.47
CA THR B 88 -6.23 -14.96 4.45
C THR B 88 -4.71 -15.05 4.59
N THR B 89 -4.05 -13.98 4.18
CA THR B 89 -2.59 -13.88 4.32
C THR B 89 -2.32 -12.68 5.21
N PHE B 90 -1.08 -12.51 5.65
CA PHE B 90 -0.81 -11.38 6.54
C PHE B 90 -0.98 -10.06 5.81
N HIS B 91 -0.88 -10.10 4.48
CA HIS B 91 -1.12 -8.91 3.65
C HIS B 91 -2.55 -8.43 3.80
N ASP B 92 -3.48 -9.36 3.98
CA ASP B 92 -4.88 -9.03 4.26
C ASP B 92 -5.03 -8.33 5.60
N TRP B 93 -4.35 -8.83 6.62
CA TRP B 93 -4.43 -8.22 7.96
C TRP B 93 -3.81 -6.82 7.95
N VAL B 94 -2.71 -6.66 7.23
CA VAL B 94 -2.07 -5.37 7.03
C VAL B 94 -3.05 -4.44 6.34
N ALA B 95 -3.72 -4.95 5.32
CA ALA B 95 -4.70 -4.15 4.58
C ALA B 95 -5.77 -3.57 5.50
N SER B 96 -6.25 -4.38 6.46
CA SER B 96 -7.28 -3.94 7.39
C SER B 96 -6.82 -2.77 8.24
N VAL B 97 -5.57 -2.84 8.69
CA VAL B 97 -5.00 -1.78 9.52
CA VAL B 97 -5.06 -1.75 9.52
C VAL B 97 -4.69 -0.54 8.69
N GLU B 98 -4.19 -0.74 7.46
CA GLU B 98 -3.92 0.41 6.60
C GLU B 98 -5.23 1.14 6.32
N GLU B 99 -6.32 0.39 6.14
CA GLU B 99 -7.61 0.99 5.85
C GLU B 99 -8.12 1.81 7.04
N GLY B 100 -7.89 1.30 8.25
CA GLY B 100 -8.30 2.00 9.45
C GLY B 100 -7.47 3.26 9.69
N TYR B 101 -6.18 3.16 9.44
CA TYR B 101 -5.30 4.33 9.45
C TYR B 101 -5.78 5.38 8.44
N GLY B 102 -6.16 4.93 7.26
CA GLY B 102 -6.66 5.83 6.22
C GLY B 102 -7.93 6.55 6.64
N TRP B 103 -8.85 5.83 7.27
CA TRP B 103 -10.07 6.42 7.83
C TRP B 103 -9.72 7.52 8.85
N LEU B 104 -8.76 7.24 9.74
CA LEU B 104 -8.32 8.28 10.66
C LEU B 104 -7.68 9.47 9.93
N LYS B 105 -6.90 9.19 8.90
CA LYS B 105 -6.14 10.23 8.22
C LYS B 105 -7.06 11.22 7.49
N GLN B 106 -8.28 10.78 7.18
CA GLN B 106 -9.28 11.64 6.54
C GLN B 106 -9.96 12.55 7.57
N ARG B 107 -9.72 12.27 8.85
CA ARG B 107 -10.45 12.93 9.93
C ARG B 107 -9.57 13.63 10.98
N CYS B 108 -8.30 13.27 11.06
CA CYS B 108 -7.48 13.70 12.20
C CYS B 108 -6.13 14.25 11.78
N GLN B 109 -5.63 15.23 12.53
CA GLN B 109 -4.31 15.78 12.27
C GLN B 109 -3.22 15.03 13.03
N THR B 110 -3.62 14.30 14.07
CA THR B 110 -2.68 13.56 14.90
C THR B 110 -3.21 12.15 15.04
N ILE B 111 -2.36 11.14 14.85
CA ILE B 111 -2.81 9.75 14.92
C ILE B 111 -1.92 8.89 15.81
N PHE B 112 -2.53 8.18 16.75
CA PHE B 112 -1.81 7.22 17.58
C PHE B 112 -2.28 5.82 17.23
N VAL B 113 -1.44 4.81 17.48
CA VAL B 113 -1.84 3.44 17.21
C VAL B 113 -1.51 2.59 18.42
N THR B 114 -2.45 1.73 18.80
CA THR B 114 -2.22 0.81 19.91
C THR B 114 -2.77 -0.56 19.49
N GLY B 115 -2.22 -1.63 20.03
CA GLY B 115 -2.72 -2.95 19.69
C GLY B 115 -2.21 -4.05 20.59
N LEU B 116 -2.96 -5.14 20.65
CA LEU B 116 -2.62 -6.28 21.51
C LEU B 116 -2.12 -7.47 20.68
N SER B 117 -1.00 -8.06 21.10
CA SER B 117 -0.45 -9.28 20.46
C SER B 117 -0.05 -9.01 19.01
N MET B 118 -0.63 -9.73 18.05
CA MET B 118 -0.39 -9.40 16.64
C MET B 118 -0.89 -7.98 16.32
N GLY B 119 -1.86 -7.51 17.09
CA GLY B 119 -2.29 -6.13 16.98
C GLY B 119 -1.15 -5.18 17.30
N GLY B 120 -0.30 -5.61 18.23
CA GLY B 120 0.91 -4.88 18.58
C GLY B 120 1.94 -4.97 17.47
N THR B 121 2.06 -6.16 16.88
CA THR B 121 2.92 -6.34 15.72
C THR B 121 2.52 -5.39 14.59
N LEU B 122 1.22 -5.28 14.35
CA LEU B 122 0.71 -4.46 13.27
C LEU B 122 0.83 -2.97 13.58
N THR B 123 0.82 -2.65 14.86
CA THR B 123 1.09 -1.30 15.34
C THR B 123 2.52 -0.90 14.96
N LEU B 124 3.46 -1.79 15.26
CA LEU B 124 4.86 -1.54 14.91
C LEU B 124 5.03 -1.45 13.40
N TYR B 125 4.36 -2.36 12.71
CA TYR B 125 4.44 -2.41 11.25
C TYR B 125 4.01 -1.10 10.61
N LEU B 126 2.86 -0.60 11.02
CA LEU B 126 2.35 0.64 10.47
CA LEU B 126 2.34 0.65 10.49
C LEU B 126 3.28 1.82 10.76
N ALA B 127 3.84 1.86 11.96
CA ALA B 127 4.79 2.91 12.32
C ALA B 127 6.06 2.85 11.46
N GLU B 128 6.39 1.63 11.01
CA GLU B 128 7.54 1.43 10.17
C GLU B 128 7.33 1.94 8.75
N HIS B 129 6.08 2.19 8.38
CA HIS B 129 5.79 2.64 7.02
C HIS B 129 5.17 4.03 6.96
N HIS B 130 4.77 4.56 8.12
CA HIS B 130 4.13 5.88 8.14
C HIS B 130 4.74 6.77 9.23
N PRO B 131 5.70 7.61 8.84
CA PRO B 131 6.43 8.45 9.81
C PRO B 131 5.53 9.47 10.48
N ASP B 132 4.35 9.74 9.91
CA ASP B 132 3.43 10.73 10.47
C ASP B 132 2.68 10.25 11.71
N ILE B 133 2.73 8.95 11.98
CA ILE B 133 2.15 8.41 13.22
C ILE B 133 2.86 9.03 14.42
N CYS B 134 2.06 9.52 15.37
N CYS B 134 2.08 9.57 15.36
CA CYS B 134 2.54 10.40 16.43
CA CYS B 134 2.65 10.40 16.42
C CYS B 134 3.12 9.65 17.63
C CYS B 134 3.07 9.67 17.69
N GLY B 135 2.75 8.38 17.77
CA GLY B 135 3.15 7.59 18.91
C GLY B 135 2.48 6.23 18.88
N ILE B 136 3.11 5.24 19.51
CA ILE B 136 2.57 3.89 19.49
C ILE B 136 2.49 3.33 20.90
N VAL B 137 1.47 2.50 21.11
CA VAL B 137 1.27 1.81 22.40
C VAL B 137 1.06 0.31 22.16
N PRO B 138 2.17 -0.43 21.94
CA PRO B 138 2.08 -1.89 21.76
C PRO B 138 1.83 -2.57 23.12
N ILE B 139 0.89 -3.50 23.15
CA ILE B 139 0.58 -4.23 24.37
C ILE B 139 0.81 -5.71 24.13
N ASN B 140 1.78 -6.27 24.85
CA ASN B 140 2.22 -7.65 24.64
C ASN B 140 2.38 -7.96 23.16
N ALA B 141 3.06 -7.05 22.45
CA ALA B 141 3.29 -7.19 21.03
C ALA B 141 4.26 -8.30 20.73
N ALA B 142 4.01 -8.98 19.61
CA ALA B 142 4.78 -10.16 19.24
C ALA B 142 5.71 -9.87 18.09
N VAL B 143 7.02 -9.95 18.32
CA VAL B 143 7.97 -9.92 17.20
C VAL B 143 8.80 -11.21 17.06
N ASP B 144 8.82 -12.05 18.10
CA ASP B 144 9.50 -13.33 18.02
C ASP B 144 8.81 -14.33 18.93
N ILE B 145 8.24 -15.37 18.31
CA ILE B 145 7.63 -16.44 19.09
C ILE B 145 8.22 -17.76 18.62
N PRO B 146 9.33 -18.19 19.27
CA PRO B 146 10.02 -19.42 18.89
C PRO B 146 9.14 -20.67 18.90
N ALA B 147 8.04 -20.66 19.65
CA ALA B 147 7.16 -21.82 19.74
C ALA B 147 6.53 -22.18 18.39
N ILE B 148 6.40 -21.20 17.50
CA ILE B 148 5.88 -21.48 16.16
C ILE B 148 6.83 -22.40 15.41
N ALA B 149 8.09 -21.98 15.27
CA ALA B 149 9.09 -22.80 14.59
C ALA B 149 9.27 -24.17 15.25
N ALA B 150 9.24 -24.20 16.59
CA ALA B 150 9.38 -25.44 17.32
C ALA B 150 8.30 -26.46 16.95
N GLY B 151 7.08 -25.97 16.71
CA GLY B 151 6.00 -26.84 16.29
C GLY B 151 6.19 -27.28 14.85
N PRO B 159 -1.30 -31.28 11.10
CA PRO B 159 -2.49 -30.82 11.83
C PRO B 159 -3.04 -29.55 11.20
N ARG B 160 -4.15 -29.64 10.49
CA ARG B 160 -4.61 -28.49 9.71
C ARG B 160 -5.14 -27.38 10.62
N TYR B 161 -5.91 -27.78 11.63
CA TYR B 161 -6.46 -26.84 12.60
C TYR B 161 -6.08 -27.24 14.01
N LEU B 162 -5.37 -26.36 14.71
CA LEU B 162 -4.93 -26.63 16.07
C LEU B 162 -6.00 -26.24 17.08
N ASP B 163 -6.32 -27.13 18.01
CA ASP B 163 -7.25 -26.79 19.08
C ASP B 163 -6.72 -25.56 19.80
N SER B 164 -7.53 -24.51 19.88
CA SER B 164 -7.10 -23.29 20.53
C SER B 164 -7.11 -23.50 22.03
N ILE B 165 -5.96 -23.25 22.65
CA ILE B 165 -5.85 -23.25 24.09
C ILE B 165 -6.64 -22.03 24.59
N GLY B 166 -7.21 -22.13 25.80
CA GLY B 166 -8.09 -21.09 26.31
C GLY B 166 -7.48 -19.71 26.36
N SER B 167 -8.32 -18.69 26.53
CA SER B 167 -7.82 -17.32 26.61
C SER B 167 -6.97 -17.10 27.87
N ASP B 168 -5.78 -16.56 27.66
CA ASP B 168 -4.83 -16.38 28.74
C ASP B 168 -5.17 -15.10 29.51
N LEU B 169 -5.99 -15.27 30.55
CA LEU B 169 -6.55 -14.17 31.33
C LEU B 169 -6.50 -14.55 32.81
N LYS B 170 -6.02 -13.65 33.65
CA LYS B 170 -5.96 -13.89 35.08
C LYS B 170 -7.34 -13.86 35.72
N ASN B 171 -8.17 -12.93 35.29
CA ASN B 171 -9.58 -12.88 35.69
C ASN B 171 -10.34 -13.95 34.92
N PRO B 172 -10.79 -15.01 35.60
CA PRO B 172 -11.42 -16.13 34.91
C PRO B 172 -12.85 -15.84 34.45
N ASP B 173 -13.37 -14.68 34.83
CA ASP B 173 -14.77 -14.36 34.58
C ASP B 173 -14.96 -13.63 33.27
N VAL B 174 -13.87 -13.06 32.75
CA VAL B 174 -13.91 -12.39 31.46
C VAL B 174 -14.15 -13.42 30.37
N LYS B 175 -15.04 -13.09 29.45
CA LYS B 175 -15.27 -13.94 28.29
C LYS B 175 -14.66 -13.26 27.08
N GLU B 176 -13.56 -13.81 26.59
CA GLU B 176 -12.89 -13.30 25.41
C GLU B 176 -13.44 -14.05 24.21
N LEU B 177 -13.51 -13.37 23.07
CA LEU B 177 -13.95 -14.01 21.82
C LEU B 177 -12.74 -14.32 20.99
N ALA B 178 -12.49 -15.60 20.77
CA ALA B 178 -11.39 -16.04 19.91
C ALA B 178 -11.78 -17.37 19.28
N TYR B 179 -11.24 -17.64 18.09
CA TYR B 179 -11.56 -18.88 17.39
C TYR B 179 -11.19 -20.11 18.22
N GLU B 180 -12.07 -21.11 18.18
CA GLU B 180 -11.87 -22.37 18.90
C GLU B 180 -10.77 -23.21 18.28
N LYS B 181 -10.45 -22.91 17.02
CA LYS B 181 -9.35 -23.57 16.34
C LYS B 181 -8.48 -22.57 15.62
N THR B 182 -7.21 -22.92 15.46
CA THR B 182 -6.26 -22.06 14.79
C THR B 182 -5.72 -22.78 13.57
N PRO B 183 -5.90 -22.21 12.38
CA PRO B 183 -5.31 -22.84 11.19
C PRO B 183 -3.78 -22.78 11.25
N THR B 184 -3.11 -23.92 11.19
CA THR B 184 -1.65 -23.93 11.25
C THR B 184 -1.04 -23.12 10.12
N ALA B 185 -1.73 -23.09 8.98
CA ALA B 185 -1.25 -22.30 7.85
C ALA B 185 -1.18 -20.83 8.21
N SER B 186 -2.12 -20.37 9.05
CA SER B 186 -2.13 -18.96 9.47
C SER B 186 -0.94 -18.64 10.38
N LEU B 187 -0.39 -19.65 11.07
CA LEU B 187 0.78 -19.40 11.92
C LEU B 187 2.00 -19.05 11.07
N LEU B 188 2.09 -19.66 9.90
CA LEU B 188 3.14 -19.35 8.95
C LEU B 188 3.07 -17.88 8.54
N GLN B 189 1.85 -17.39 8.33
CA GLN B 189 1.62 -16.01 7.95
C GLN B 189 2.05 -15.06 9.07
N LEU B 190 1.64 -15.39 10.29
CA LEU B 190 2.06 -14.60 11.46
C LEU B 190 3.59 -14.56 11.59
N ALA B 191 4.24 -15.70 11.42
CA ALA B 191 5.70 -15.75 11.55
C ALA B 191 6.38 -14.81 10.53
N ARG B 192 5.86 -14.77 9.30
CA ARG B 192 6.43 -13.92 8.26
C ARG B 192 6.25 -12.44 8.60
N LEU B 193 5.05 -12.09 9.01
CA LEU B 193 4.73 -10.72 9.39
C LEU B 193 5.64 -10.32 10.53
N MET B 194 5.80 -11.21 11.51
CA MET B 194 6.68 -10.91 12.64
C MET B 194 8.14 -10.70 12.25
N ALA B 195 8.66 -11.55 11.37
CA ALA B 195 10.04 -11.42 10.93
C ALA B 195 10.30 -10.08 10.22
N GLN B 196 9.37 -9.69 9.35
CA GLN B 196 9.50 -8.45 8.60
C GLN B 196 9.40 -7.24 9.50
N THR B 197 8.47 -7.31 10.45
CA THR B 197 8.29 -6.23 11.42
C THR B 197 9.54 -6.11 12.31
N LYS B 198 10.05 -7.25 12.76
CA LYS B 198 11.26 -7.25 13.60
C LYS B 198 12.47 -6.64 12.88
N ALA B 199 12.59 -6.94 11.59
CA ALA B 199 13.73 -6.48 10.81
C ALA B 199 13.74 -4.98 10.55
N LYS B 200 12.56 -4.35 10.65
CA LYS B 200 12.45 -2.94 10.36
C LYS B 200 12.19 -2.07 11.60
N LEU B 201 12.41 -2.61 12.80
CA LEU B 201 12.18 -1.85 14.03
C LEU B 201 12.93 -0.51 14.08
N ASP B 202 14.12 -0.44 13.49
CA ASP B 202 14.90 0.78 13.58
C ASP B 202 14.30 1.97 12.80
N ARG B 203 13.30 1.70 11.97
CA ARG B 203 12.58 2.77 11.25
C ARG B 203 11.68 3.60 12.16
N ILE B 204 11.33 3.05 13.32
CA ILE B 204 10.44 3.72 14.27
C ILE B 204 11.19 4.76 15.09
N VAL B 205 10.71 6.01 15.06
CA VAL B 205 11.32 7.11 15.81
C VAL B 205 10.28 7.83 16.66
N CYS B 206 9.02 7.48 16.51
CA CYS B 206 7.96 8.12 17.29
C CYS B 206 7.96 7.63 18.74
N PRO B 207 7.44 8.45 19.67
CA PRO B 207 7.33 8.03 21.08
C PRO B 207 6.65 6.68 21.22
N ALA B 208 7.14 5.86 22.15
CA ALA B 208 6.60 4.52 22.36
C ALA B 208 6.36 4.23 23.83
N LEU B 209 5.18 3.69 24.11
CA LEU B 209 4.79 3.24 25.45
C LEU B 209 4.53 1.75 25.31
N ILE B 210 5.45 0.93 25.81
CA ILE B 210 5.42 -0.50 25.55
C ILE B 210 4.94 -1.22 26.81
N PHE B 211 3.74 -1.80 26.74
CA PHE B 211 3.22 -2.58 27.87
C PHE B 211 3.60 -4.05 27.76
N VAL B 212 3.96 -4.64 28.88
CA VAL B 212 4.26 -6.07 28.89
C VAL B 212 3.72 -6.69 30.17
N SER B 213 3.04 -7.83 30.04
CA SER B 213 2.63 -8.58 31.23
C SER B 213 3.75 -9.52 31.67
N ASP B 214 4.20 -9.37 32.91
CA ASP B 214 5.21 -10.25 33.49
C ASP B 214 4.82 -11.71 33.27
N GLU B 215 3.56 -12.00 33.51
CA GLU B 215 3.06 -13.37 33.46
C GLU B 215 2.28 -13.67 32.17
N ASP B 216 2.74 -13.12 31.05
CA ASP B 216 2.20 -13.50 29.74
C ASP B 216 2.60 -14.94 29.43
N HIS B 217 1.62 -15.82 29.22
CA HIS B 217 1.88 -17.23 28.97
C HIS B 217 1.81 -17.56 27.47
N VAL B 218 1.67 -16.53 26.65
CA VAL B 218 1.53 -16.69 25.19
C VAL B 218 2.67 -16.02 24.42
N VAL B 219 2.87 -14.72 24.68
CA VAL B 219 3.94 -13.98 24.03
C VAL B 219 5.05 -13.79 25.06
N PRO B 220 6.24 -14.35 24.76
CA PRO B 220 7.35 -14.23 25.72
C PRO B 220 7.65 -12.77 26.07
N PRO B 221 7.68 -12.44 27.37
CA PRO B 221 7.81 -11.05 27.81
C PRO B 221 9.05 -10.35 27.27
N GLY B 222 10.09 -11.12 26.94
CA GLY B 222 11.30 -10.58 26.35
C GLY B 222 11.09 -9.83 25.05
N ASN B 223 9.94 -10.05 24.41
CA ASN B 223 9.57 -9.30 23.23
C ASN B 223 9.57 -7.79 23.49
N ALA B 224 9.24 -7.40 24.73
CA ALA B 224 9.18 -5.98 25.08
C ALA B 224 10.57 -5.36 24.96
N ASP B 225 11.59 -6.12 25.32
CA ASP B 225 12.97 -5.64 25.20
C ASP B 225 13.47 -5.67 23.77
N ILE B 226 13.04 -6.65 22.99
CA ILE B 226 13.36 -6.66 21.55
C ILE B 226 12.84 -5.35 20.95
N ILE B 227 11.62 -4.98 21.30
CA ILE B 227 11.03 -3.77 20.77
C ILE B 227 11.76 -2.53 21.28
N PHE B 228 11.93 -2.44 22.60
CA PHE B 228 12.55 -1.28 23.24
C PHE B 228 13.95 -1.01 22.66
N GLN B 229 14.75 -2.06 22.54
CA GLN B 229 16.11 -1.89 22.03
C GLN B 229 16.18 -1.71 20.50
N GLY B 230 15.20 -2.24 19.79
CA GLY B 230 15.22 -2.19 18.34
C GLY B 230 14.75 -0.90 17.70
N ILE B 231 13.82 -0.21 18.34
CA ILE B 231 13.31 1.03 17.78
C ILE B 231 14.33 2.16 17.98
N SER B 232 14.23 3.18 17.14
CA SER B 232 15.19 4.28 17.17
C SER B 232 14.67 5.46 17.98
N SER B 233 13.50 5.29 18.60
CA SER B 233 12.83 6.34 19.36
C SER B 233 13.66 6.89 20.52
N THR B 234 13.64 8.21 20.68
CA THR B 234 14.29 8.88 21.79
C THR B 234 13.39 8.93 23.03
N GLU B 235 12.09 8.79 22.83
CA GLU B 235 11.15 8.75 23.94
C GLU B 235 10.47 7.39 23.98
N LYS B 236 10.89 6.55 24.91
CA LYS B 236 10.38 5.19 24.94
C LYS B 236 10.47 4.66 26.36
N GLU B 237 9.53 3.81 26.74
CA GLU B 237 9.56 3.18 28.05
C GLU B 237 8.81 1.86 28.01
N ILE B 238 9.16 0.99 28.95
CA ILE B 238 8.43 -0.25 29.19
C ILE B 238 7.64 -0.11 30.49
N VAL B 239 6.35 -0.39 30.42
CA VAL B 239 5.54 -0.41 31.62
C VAL B 239 5.15 -1.84 31.88
N ARG B 240 5.53 -2.36 33.05
CA ARG B 240 5.23 -3.73 33.42
C ARG B 240 3.87 -3.85 34.07
N LEU B 241 3.09 -4.81 33.58
CA LEU B 241 1.80 -5.11 34.15
C LEU B 241 1.96 -6.35 35.02
N ARG B 242 1.67 -6.20 36.30
CA ARG B 242 1.93 -7.24 37.29
C ARG B 242 0.72 -8.07 37.65
N ASN B 243 -0.46 -7.65 37.19
CA ASN B 243 -1.69 -8.31 37.63
C ASN B 243 -2.51 -8.76 36.42
N SER B 244 -1.84 -9.17 35.35
CA SER B 244 -2.51 -9.59 34.13
C SER B 244 -1.76 -10.71 33.45
N TYR B 245 -2.46 -11.55 32.71
CA TYR B 245 -1.79 -12.46 31.79
C TYR B 245 -1.75 -11.85 30.38
N HIS B 246 -1.78 -12.69 29.33
CA HIS B 246 -1.62 -12.13 27.98
C HIS B 246 -2.68 -11.10 27.59
N VAL B 247 -3.94 -11.43 27.80
CA VAL B 247 -5.02 -10.58 27.29
C VAL B 247 -5.24 -9.41 28.26
N ALA B 248 -4.23 -8.56 28.38
CA ALA B 248 -4.18 -7.58 29.47
C ALA B 248 -5.24 -6.49 29.32
N THR B 249 -5.64 -6.23 28.07
CA THR B 249 -6.67 -5.22 27.79
C THR B 249 -8.03 -5.56 28.40
N LEU B 250 -8.26 -6.83 28.73
CA LEU B 250 -9.51 -7.24 29.37
C LEU B 250 -9.31 -7.72 30.79
N ASP B 251 -8.05 -7.69 31.24
CA ASP B 251 -7.66 -8.26 32.53
C ASP B 251 -7.63 -7.19 33.62
N TYR B 252 -7.14 -7.56 34.81
CA TYR B 252 -7.22 -6.66 35.96
C TYR B 252 -6.49 -5.33 35.77
N ASP B 253 -5.49 -5.30 34.87
CA ASP B 253 -4.71 -4.08 34.68
C ASP B 253 -5.33 -3.18 33.61
N GLN B 254 -6.49 -3.54 33.09
CA GLN B 254 -7.22 -2.69 32.14
C GLN B 254 -7.27 -1.19 32.51
N PRO B 255 -7.64 -0.87 33.77
CA PRO B 255 -7.75 0.57 34.10
C PRO B 255 -6.42 1.30 33.95
N MET B 256 -5.32 0.62 34.28
CA MET B 256 -4.00 1.24 34.22
C MET B 256 -3.62 1.47 32.77
N ILE B 257 -3.94 0.49 31.93
CA ILE B 257 -3.62 0.59 30.51
C ILE B 257 -4.33 1.81 29.90
N ILE B 258 -5.60 1.95 30.23
CA ILE B 258 -6.41 3.07 29.74
C ILE B 258 -5.85 4.40 30.24
N GLU B 259 -5.61 4.47 31.54
CA GLU B 259 -5.17 5.71 32.17
C GLU B 259 -3.82 6.18 31.63
N ARG B 260 -2.83 5.28 31.60
CA ARG B 260 -1.50 5.65 31.12
C ARG B 260 -1.50 5.96 29.62
N SER B 261 -2.30 5.23 28.86
CA SER B 261 -2.42 5.49 27.43
C SER B 261 -2.98 6.89 27.19
N LEU B 262 -4.04 7.25 27.93
CA LEU B 262 -4.60 8.59 27.79
C LEU B 262 -3.58 9.68 28.11
N GLU B 263 -2.78 9.48 29.15
CA GLU B 263 -1.72 10.44 29.47
C GLU B 263 -0.74 10.58 28.31
N PHE B 264 -0.40 9.45 27.70
CA PHE B 264 0.54 9.38 26.58
C PHE B 264 0.02 10.15 25.37
N PHE B 265 -1.23 9.88 25.00
CA PHE B 265 -1.89 10.58 23.88
C PHE B 265 -1.88 12.09 24.09
N ALA B 266 -2.19 12.54 25.31
CA ALA B 266 -2.28 13.97 25.58
C ALA B 266 -0.91 14.65 25.50
N LYS B 267 0.11 13.95 26.00
CA LYS B 267 1.46 14.47 26.03
C LYS B 267 2.00 14.69 24.61
N HIS B 268 1.63 13.81 23.70
CA HIS B 268 2.23 13.85 22.37
C HIS B 268 1.35 14.44 21.28
N ALA B 269 0.11 14.80 21.61
CA ALA B 269 -0.81 15.30 20.59
C ALA B 269 -0.35 16.61 19.95
N GLY B 270 -0.74 16.82 18.70
CA GLY B 270 -0.47 18.08 18.01
C GLY B 270 -1.37 19.18 18.51
#